data_7PA3
#
_entry.id   7PA3
#
_cell.length_a   66.743
_cell.length_b   66.743
_cell.length_c   176.785
_cell.angle_alpha   90.000
_cell.angle_beta   90.000
_cell.angle_gamma   120.000
#
_symmetry.space_group_name_H-M   'P 65 2 2'
#
loop_
_entity.id
_entity.type
_entity.pdbx_description
1 polymer 'Parkinson disease protein 7'
2 non-polymer (3~{S})-~{N}-[5-[2-[(azanylidene-$l^{4}-azanylidene)amino]ethanoyl]-6,7-dihydro-4~{H}-[1,3]thiazolo[5,4-c]pyridin-2-yl]-1-(iminomethyl)pyrrolidine-3-carboxamide
3 water water
#
_entity_poly.entity_id   1
_entity_poly.type   'polypeptide(L)'
_entity_poly.pdbx_seq_one_letter_code
;GPGMASKRALVILAKGAEEMETVIPVDVMRRAGIKVTVAGLAGKDPVQCSRDVVICPDASLEDAKKEGPYDVVVLPGGNL
GAQNLSESAAVKEILKEQENRKGLIAAICAGPTALLAHEIGFGSKVTTHPLAKDKMMNGGHYTYSENRVEKDGLILTSRG
PGTSFEFALAIVEALNGKEVAAQVKAPLVLKD
;
_entity_poly.pdbx_strand_id   AAA
#
# COMPACT_ATOMS: atom_id res chain seq x y z
N ALA A 5 14.28 -13.84 -10.59
CA ALA A 5 14.96 -12.62 -10.18
C ALA A 5 14.21 -12.02 -8.98
N SER A 6 14.51 -10.79 -8.62
CA SER A 6 13.85 -10.16 -7.47
C SER A 6 12.36 -9.91 -7.77
N LYS A 7 11.53 -10.00 -6.75
CA LYS A 7 10.16 -9.45 -6.81
C LYS A 7 10.23 -7.92 -6.80
N ARG A 8 9.13 -7.30 -7.20
CA ARG A 8 9.08 -5.86 -7.51
C ARG A 8 7.84 -5.23 -6.90
N ALA A 9 8.04 -4.11 -6.18
CA ALA A 9 6.91 -3.41 -5.59
C ALA A 9 6.86 -1.98 -6.10
N LEU A 10 5.64 -1.51 -6.25
CA LEU A 10 5.34 -0.10 -6.59
C LEU A 10 4.64 0.50 -5.37
N VAL A 11 5.22 1.56 -4.81
CA VAL A 11 4.61 2.32 -3.70
C VAL A 11 4.22 3.69 -4.24
N ILE A 12 2.93 3.99 -4.25
CA ILE A 12 2.42 5.26 -4.83
C ILE A 12 2.44 6.35 -3.74
N LEU A 13 3.25 7.41 -3.96
CA LEU A 13 3.46 8.47 -2.97
C LEU A 13 2.80 9.78 -3.39
N ALA A 14 1.70 10.12 -2.73
CA ALA A 14 0.88 11.31 -2.94
C ALA A 14 1.16 12.34 -1.84
N LYS A 15 1.05 13.60 -2.21
CA LYS A 15 1.06 14.70 -1.21
C LYS A 15 0.09 14.31 -0.07
N GLY A 16 0.53 14.49 1.19
CA GLY A 16 -0.33 14.23 2.36
C GLY A 16 -0.27 12.77 2.76
N ALA A 17 0.60 11.98 2.14
CA ALA A 17 0.74 10.56 2.53
C ALA A 17 1.24 10.46 3.97
N GLU A 18 0.80 9.44 4.69
CA GLU A 18 1.38 9.16 6.04
C GLU A 18 2.81 8.63 5.87
N GLU A 19 3.82 9.42 6.29
CA GLU A 19 5.25 9.09 6.05
C GLU A 19 5.64 7.76 6.68
N MET A 20 5.15 7.49 7.92
CA MET A 20 5.52 6.21 8.55
C MET A 20 4.94 5.02 7.72
N GLU A 21 3.70 5.18 7.29
CA GLU A 21 2.99 4.09 6.51
C GLU A 21 3.65 3.97 5.16
N THR A 22 4.37 4.99 4.71
CA THR A 22 5.17 4.91 3.45
C THR A 22 6.53 4.27 3.71
N VAL A 23 7.28 4.83 4.70
CA VAL A 23 8.68 4.40 4.86
C VAL A 23 8.78 2.99 5.45
N ILE A 24 7.92 2.63 6.41
CA ILE A 24 8.04 1.27 7.01
C ILE A 24 7.92 0.19 5.93
N PRO A 25 6.88 0.20 5.09
CA PRO A 25 6.76 -0.83 4.03
C PRO A 25 7.95 -0.77 3.06
N VAL A 26 8.35 0.45 2.65
CA VAL A 26 9.47 0.58 1.69
C VAL A 26 10.73 -0.04 2.27
N ASP A 27 11.07 0.35 3.52
CA ASP A 27 12.31 -0.19 4.12
C ASP A 27 12.26 -1.71 4.36
N VAL A 28 11.20 -2.18 4.97
CA VAL A 28 11.05 -3.64 5.26
C VAL A 28 11.04 -4.48 3.96
N MET A 29 10.44 -3.95 2.91
CA MET A 29 10.46 -4.69 1.60
C MET A 29 11.88 -4.71 1.06
N ARG A 30 12.56 -3.55 1.11
CA ARG A 30 13.96 -3.53 0.62
C ARG A 30 14.84 -4.48 1.42
N ARG A 31 14.66 -4.51 2.74
CA ARG A 31 15.41 -5.50 3.58
C ARG A 31 15.17 -6.94 3.09
N ALA A 32 14.01 -7.21 2.52
CA ALA A 32 13.68 -8.56 2.02
C ALA A 32 14.27 -8.79 0.64
N GLY A 33 14.91 -7.81 0.01
CA GLY A 33 15.47 -7.97 -1.33
C GLY A 33 14.45 -7.66 -2.40
N ILE A 34 13.28 -7.16 -2.05
CA ILE A 34 12.27 -6.64 -3.02
C ILE A 34 12.80 -5.34 -3.65
N LYS A 35 12.70 -5.21 -5.00
CA LYS A 35 13.00 -3.95 -5.72
C LYS A 35 11.77 -3.09 -5.65
N VAL A 36 11.92 -2.04 -4.86
CA VAL A 36 10.78 -1.14 -4.61
C VAL A 36 11.02 0.13 -5.41
N THR A 37 9.96 0.59 -6.08
CA THR A 37 9.95 1.89 -6.73
C THR A 37 8.99 2.76 -5.94
N VAL A 38 9.58 3.82 -5.34
CA VAL A 38 8.68 4.83 -4.72
C VAL A 38 8.32 5.80 -5.84
N ALA A 39 7.04 5.86 -6.21
CA ALA A 39 6.57 6.59 -7.39
C ALA A 39 5.73 7.77 -6.98
N GLY A 40 6.20 9.00 -7.33
CA GLY A 40 5.37 10.16 -6.99
C GLY A 40 4.15 10.25 -7.87
N LEU A 41 2.96 10.33 -7.27
CA LEU A 41 1.69 10.58 -7.98
C LEU A 41 1.84 11.79 -8.91
N ALA A 42 2.42 12.88 -8.42
CA ALA A 42 2.45 14.19 -9.13
C ALA A 42 3.72 14.40 -9.97
N GLY A 43 4.61 13.43 -10.05
CA GLY A 43 5.89 13.55 -10.73
C GLY A 43 7.04 13.11 -9.86
N LYS A 44 8.26 13.38 -10.31
CA LYS A 44 9.45 12.93 -9.56
C LYS A 44 9.83 13.92 -8.46
N ASP A 45 9.15 15.07 -8.30
CA ASP A 45 9.59 16.09 -7.30
C ASP A 45 9.30 15.63 -5.87
N PRO A 46 10.08 16.15 -4.92
CA PRO A 46 9.89 15.78 -3.51
C PRO A 46 8.44 15.95 -3.10
N VAL A 47 8.00 15.10 -2.18
CA VAL A 47 6.58 15.02 -1.75
C VAL A 47 6.46 15.37 -0.27
N GLN A 48 5.57 16.31 0.05
CA GLN A 48 5.32 16.71 1.45
C GLN A 48 4.31 15.75 2.03
N CYS A 49 4.74 15.04 3.07
CA CYS A 49 3.90 14.04 3.75
C CYS A 49 3.06 14.73 4.83
N SER A 50 2.20 13.95 5.46
CA SER A 50 1.15 14.40 6.42
C SER A 50 1.75 15.20 7.59
N ARG A 51 2.93 14.80 8.06
CA ARG A 51 3.58 15.51 9.18
C ARG A 51 4.80 16.26 8.65
N ASP A 52 4.74 16.62 7.38
CA ASP A 52 5.70 17.54 6.71
C ASP A 52 7.08 16.90 6.53
N VAL A 53 7.25 15.61 6.73
CA VAL A 53 8.48 14.92 6.23
C VAL A 53 8.42 14.94 4.69
N VAL A 54 9.54 15.27 4.07
CA VAL A 54 9.59 15.40 2.60
C VAL A 54 10.42 14.26 2.06
N ILE A 55 9.75 13.45 1.23
CA ILE A 55 10.43 12.27 0.64
C ILE A 55 10.60 12.49 -0.85
N CYS A 56 11.77 12.18 -1.36
CA CYS A 56 12.09 12.31 -2.81
C CYS A 56 11.77 10.97 -3.43
N PRO A 57 10.78 10.91 -4.37
CA PRO A 57 10.47 9.69 -5.11
C PRO A 57 11.65 9.21 -5.96
N ASP A 58 11.68 7.90 -6.21
CA ASP A 58 12.65 7.30 -7.15
C ASP A 58 12.28 7.67 -8.59
N ALA A 59 10.99 7.88 -8.84
CA ALA A 59 10.47 8.11 -10.20
C ALA A 59 9.09 8.77 -10.13
N SER A 60 8.65 9.36 -11.23
CA SER A 60 7.23 9.73 -11.38
C SER A 60 6.42 8.44 -11.53
N LEU A 61 5.13 8.50 -11.22
CA LEU A 61 4.17 7.40 -11.47
C LEU A 61 4.07 7.23 -12.99
N GLU A 62 4.06 8.33 -13.75
CA GLU A 62 4.00 8.29 -15.22
C GLU A 62 5.12 7.39 -15.75
N ASP A 63 6.36 7.53 -15.26
CA ASP A 63 7.49 6.64 -15.66
C ASP A 63 7.35 5.25 -15.05
N ALA A 64 7.10 5.19 -13.75
CA ALA A 64 7.17 3.89 -13.06
C ALA A 64 6.07 2.97 -13.63
N LYS A 65 4.90 3.50 -14.00
CA LYS A 65 3.80 2.61 -14.46
C LYS A 65 4.20 2.04 -15.83
N LYS A 66 5.18 2.61 -16.54
CA LYS A 66 5.64 2.03 -17.84
C LYS A 66 6.61 0.89 -17.57
N GLU A 67 7.17 0.81 -16.35
CA GLU A 67 8.20 -0.20 -15.99
C GLU A 67 7.54 -1.40 -15.26
N GLY A 68 6.19 -1.51 -15.29
CA GLY A 68 5.45 -2.64 -14.70
C GLY A 68 5.67 -3.89 -15.53
N PRO A 69 5.12 -5.07 -15.17
CA PRO A 69 4.19 -5.23 -14.03
C PRO A 69 4.90 -5.27 -12.67
N TYR A 70 4.14 -5.09 -11.60
CA TYR A 70 4.72 -5.22 -10.24
C TYR A 70 4.03 -6.37 -9.49
N ASP A 71 4.79 -7.05 -8.62
CA ASP A 71 4.27 -8.15 -7.75
C ASP A 71 3.32 -7.55 -6.69
N VAL A 72 3.51 -6.27 -6.32
CA VAL A 72 2.57 -5.63 -5.37
C VAL A 72 2.48 -4.13 -5.67
N VAL A 73 1.25 -3.63 -5.56
CA VAL A 73 1.02 -2.14 -5.59
C VAL A 73 0.65 -1.81 -4.12
N VAL A 74 1.34 -0.84 -3.55
CA VAL A 74 1.21 -0.44 -2.12
C VAL A 74 0.66 0.99 -2.06
N LEU A 75 -0.45 1.13 -1.30
CA LEU A 75 -1.13 2.41 -1.05
C LEU A 75 -0.97 2.72 0.43
N PRO A 76 -0.07 3.66 0.77
CA PRO A 76 -0.06 4.19 2.15
C PRO A 76 -1.35 4.95 2.46
N GLY A 77 -1.49 5.34 3.73
CA GLY A 77 -2.63 6.20 4.08
C GLY A 77 -2.23 7.67 4.20
N GLY A 78 -2.77 8.33 5.21
CA GLY A 78 -2.78 9.80 5.27
C GLY A 78 -4.08 10.32 4.72
N ASN A 79 -4.77 11.18 5.43
CA ASN A 79 -6.10 11.71 5.03
C ASN A 79 -5.98 12.32 3.63
N LEU A 80 -5.08 13.28 3.47
CA LEU A 80 -4.98 13.97 2.15
C LEU A 80 -4.36 13.00 1.14
N GLY A 81 -3.36 12.21 1.52
CA GLY A 81 -2.69 11.25 0.62
C GLY A 81 -3.70 10.26 0.03
N ALA A 82 -4.57 9.66 0.86
CA ALA A 82 -5.63 8.73 0.41
C ALA A 82 -6.64 9.45 -0.49
N GLN A 83 -6.98 10.69 -0.18
CA GLN A 83 -7.90 11.50 -1.00
C GLN A 83 -7.25 11.68 -2.38
N ASN A 84 -5.96 11.99 -2.41
CA ASN A 84 -5.24 12.24 -3.69
C ASN A 84 -5.23 10.93 -4.49
N LEU A 85 -4.88 9.81 -3.86
CA LEU A 85 -4.92 8.48 -4.56
C LEU A 85 -6.32 8.22 -5.10
N SER A 86 -7.37 8.53 -4.35
CA SER A 86 -8.79 8.23 -4.67
C SER A 86 -9.30 9.00 -5.90
N GLU A 87 -8.69 10.15 -6.15
CA GLU A 87 -9.06 11.15 -7.19
C GLU A 87 -8.23 10.92 -8.46
N SER A 88 -7.23 10.02 -8.44
CA SER A 88 -6.28 9.86 -9.56
C SER A 88 -6.83 8.85 -10.58
N ALA A 89 -7.01 9.30 -11.84
CA ALA A 89 -7.38 8.40 -12.95
C ALA A 89 -6.26 7.35 -13.13
N ALA A 90 -5.00 7.80 -13.04
CA ALA A 90 -3.77 6.99 -13.22
C ALA A 90 -3.74 5.84 -12.19
N VAL A 91 -4.11 6.15 -10.95
CA VAL A 91 -4.10 5.09 -9.91
C VAL A 91 -5.22 4.08 -10.20
N LYS A 92 -6.40 4.57 -10.55
CA LYS A 92 -7.53 3.68 -10.95
C LYS A 92 -7.06 2.70 -12.03
N GLU A 93 -6.38 3.16 -13.07
CA GLU A 93 -5.98 2.27 -14.20
C GLU A 93 -4.97 1.25 -13.66
N ILE A 94 -4.03 1.65 -12.79
CA ILE A 94 -2.97 0.72 -12.32
C ILE A 94 -3.61 -0.35 -11.44
N LEU A 95 -4.52 0.04 -10.55
CA LEU A 95 -5.16 -0.93 -9.64
C LEU A 95 -6.01 -1.87 -10.48
N LYS A 96 -6.73 -1.34 -11.47
CA LYS A 96 -7.61 -2.17 -12.33
C LYS A 96 -6.75 -3.25 -12.99
N GLU A 97 -5.66 -2.82 -13.61
CA GLU A 97 -4.72 -3.75 -14.28
C GLU A 97 -4.23 -4.79 -13.27
N GLN A 98 -3.81 -4.31 -12.06
CA GLN A 98 -3.12 -5.22 -11.11
C GLN A 98 -4.12 -6.38 -10.78
N GLU A 99 -5.41 -5.91 -10.52
CA GLU A 99 -6.54 -6.81 -10.17
C GLU A 99 -6.70 -7.81 -11.34
N ASN A 100 -6.73 -7.29 -12.55
CA ASN A 100 -6.93 -8.12 -13.77
C ASN A 100 -5.80 -9.16 -13.93
N ARG A 101 -4.58 -8.80 -13.54
CA ARG A 101 -3.42 -9.71 -13.66
C ARG A 101 -3.21 -10.60 -12.39
N LYS A 102 -4.22 -10.58 -11.48
CA LYS A 102 -4.16 -11.39 -10.24
C LYS A 102 -2.88 -10.99 -9.48
N GLY A 103 -2.60 -9.69 -9.43
CA GLY A 103 -1.45 -9.13 -8.68
C GLY A 103 -1.90 -8.61 -7.32
N LEU A 104 -1.02 -8.77 -6.33
CA LEU A 104 -1.30 -8.27 -4.95
C LEU A 104 -1.45 -6.73 -4.89
N ILE A 105 -2.53 -6.29 -4.22
CA ILE A 105 -2.73 -4.87 -3.85
C ILE A 105 -2.68 -4.81 -2.33
N ALA A 106 -1.98 -3.81 -1.77
CA ALA A 106 -1.86 -3.69 -0.30
C ALA A 106 -2.14 -2.24 0.05
N ALA A 107 -3.04 -1.99 1.02
CA ALA A 107 -3.41 -0.60 1.39
C ALA A 107 -3.53 -0.53 2.91
N ILE A 108 -3.02 0.56 3.52
CA ILE A 108 -3.03 0.67 5.01
C ILE A 108 -3.76 1.93 5.49
N CYS A 109 -4.47 1.79 6.61
CA CYS A 109 -5.07 2.90 7.41
C CYS A 109 -6.19 3.62 6.63
N ALA A 110 -5.94 4.77 5.97
CA ALA A 110 -6.96 5.42 5.10
C ALA A 110 -6.78 4.91 3.65
N GLY A 111 -5.61 4.35 3.37
CA GLY A 111 -5.25 3.87 2.02
C GLY A 111 -6.36 3.03 1.43
N PRO A 112 -6.99 2.10 2.17
CA PRO A 112 -8.04 1.29 1.53
C PRO A 112 -9.24 2.06 0.94
N THR A 113 -9.47 3.32 1.33
CA THR A 113 -10.61 4.11 0.79
C THR A 113 -10.38 4.39 -0.70
N ALA A 114 -9.13 4.31 -1.17
CA ALA A 114 -8.85 4.48 -2.62
C ALA A 114 -9.28 3.23 -3.37
N LEU A 115 -9.29 2.07 -2.72
CA LEU A 115 -9.89 0.85 -3.33
C LEU A 115 -11.37 1.12 -3.58
N LEU A 116 -12.09 1.69 -2.60
CA LEU A 116 -13.54 2.00 -2.75
C LEU A 116 -13.75 2.97 -3.92
N ALA A 117 -12.88 3.98 -4.00
CA ALA A 117 -13.04 5.06 -4.98
C ALA A 117 -12.89 4.51 -6.38
N HIS A 118 -12.01 3.52 -6.54
CA HIS A 118 -11.66 2.97 -7.87
C HIS A 118 -12.36 1.63 -8.13
N GLU A 119 -13.30 1.29 -7.26
CA GLU A 119 -14.14 0.06 -7.35
C GLU A 119 -13.24 -1.16 -7.46
N ILE A 120 -12.32 -1.36 -6.52
CA ILE A 120 -11.27 -2.42 -6.56
C ILE A 120 -11.63 -3.42 -5.49
N GLY A 121 -11.73 -4.70 -5.83
CA GLY A 121 -11.82 -5.82 -4.87
C GLY A 121 -13.14 -5.81 -4.11
N PHE A 122 -14.21 -5.29 -4.72
CA PHE A 122 -15.57 -5.31 -4.14
C PHE A 122 -15.87 -6.76 -3.74
N GLY A 123 -16.52 -6.93 -2.58
CA GLY A 123 -16.75 -8.24 -1.95
C GLY A 123 -15.61 -8.77 -1.13
N SER A 124 -14.45 -8.12 -1.00
CA SER A 124 -13.33 -8.58 -0.13
C SER A 124 -13.63 -8.26 1.33
N LYS A 125 -13.03 -9.06 2.23
CA LYS A 125 -12.94 -8.77 3.67
C LYS A 125 -11.76 -7.79 3.72
N VAL A 126 -11.99 -6.63 4.34
CA VAL A 126 -10.96 -5.56 4.48
C VAL A 126 -10.99 -5.03 5.90
N THR A 127 -9.84 -4.47 6.29
CA THR A 127 -9.77 -3.59 7.47
C THR A 127 -9.33 -2.21 7.01
N THR A 128 -9.46 -1.27 7.93
CA THR A 128 -9.03 0.13 7.70
C THR A 128 -8.71 0.65 9.08
N HIS A 129 -8.28 1.88 9.16
CA HIS A 129 -8.26 2.52 10.48
C HIS A 129 -9.68 2.66 10.95
N PRO A 130 -9.92 2.60 12.28
CA PRO A 130 -11.28 2.82 12.78
C PRO A 130 -11.92 4.09 12.23
N LEU A 131 -11.15 5.17 12.04
CA LEU A 131 -11.77 6.46 11.65
C LEU A 131 -12.18 6.44 10.16
N ALA A 132 -11.62 5.53 9.37
CA ALA A 132 -11.92 5.40 7.93
C ALA A 132 -13.02 4.35 7.70
N LYS A 133 -13.48 3.66 8.74
CA LYS A 133 -14.46 2.55 8.55
C LYS A 133 -15.75 3.04 7.87
N ASP A 134 -16.36 4.13 8.35
CA ASP A 134 -17.65 4.62 7.77
C ASP A 134 -17.46 4.95 6.29
N LYS A 135 -16.32 5.50 5.90
CA LYS A 135 -16.05 5.87 4.49
C LYS A 135 -15.98 4.58 3.67
N MET A 136 -15.19 3.64 4.15
CA MET A 136 -14.91 2.37 3.44
C MET A 136 -16.20 1.57 3.27
N MET A 137 -17.13 1.65 4.21
CA MET A 137 -18.31 0.75 4.27
C MET A 137 -19.51 1.49 3.68
N ASN A 138 -19.33 2.75 3.24
CA ASN A 138 -20.40 3.48 2.52
C ASN A 138 -20.78 2.72 1.22
N GLY A 139 -22.01 2.21 1.18
CA GLY A 139 -22.54 1.42 0.06
C GLY A 139 -22.29 -0.07 0.22
N GLY A 140 -21.74 -0.49 1.35
CA GLY A 140 -21.63 -1.91 1.70
C GLY A 140 -21.01 -2.73 0.58
N HIS A 141 -19.86 -2.33 0.06
CA HIS A 141 -19.15 -3.00 -1.06
C HIS A 141 -18.06 -3.96 -0.57
N TYR A 142 -17.83 -4.04 0.75
CA TYR A 142 -16.83 -4.93 1.39
C TYR A 142 -17.44 -5.50 2.65
N THR A 143 -16.78 -6.51 3.21
CA THR A 143 -17.05 -7.02 4.57
C THR A 143 -15.96 -6.46 5.46
N TYR A 144 -16.32 -5.97 6.62
CA TYR A 144 -15.33 -5.30 7.50
C TYR A 144 -14.65 -6.33 8.41
N SER A 145 -13.37 -6.13 8.67
CA SER A 145 -12.56 -6.93 9.61
C SER A 145 -11.87 -6.02 10.62
N GLU A 146 -11.77 -6.48 11.87
CA GLU A 146 -11.02 -5.80 12.96
C GLU A 146 -9.60 -6.38 13.08
N ASN A 147 -9.20 -7.27 12.16
CA ASN A 147 -7.85 -7.86 12.20
C ASN A 147 -6.85 -6.74 11.93
N ARG A 148 -5.69 -6.86 12.55
CA ARG A 148 -4.64 -5.83 12.46
C ARG A 148 -4.12 -5.81 11.01
N VAL A 149 -4.07 -6.96 10.40
CA VAL A 149 -3.77 -7.15 8.96
C VAL A 149 -4.84 -8.12 8.46
N GLU A 150 -5.43 -7.80 7.31
CA GLU A 150 -6.44 -8.69 6.67
C GLU A 150 -6.01 -9.04 5.25
N LYS A 151 -5.89 -10.33 4.94
CA LYS A 151 -5.44 -10.68 3.58
C LYS A 151 -6.55 -11.53 2.99
N ASP A 152 -7.30 -11.00 2.03
CA ASP A 152 -8.34 -11.83 1.36
C ASP A 152 -7.92 -11.97 -0.10
N GLY A 153 -7.28 -13.13 -0.34
CA GLY A 153 -6.66 -13.36 -1.65
C GLY A 153 -5.69 -12.27 -1.99
N LEU A 154 -5.99 -11.46 -2.99
CA LEU A 154 -4.94 -10.54 -3.46
C LEU A 154 -5.25 -9.16 -2.90
N ILE A 155 -6.19 -9.02 -1.95
CA ILE A 155 -6.46 -7.69 -1.32
C ILE A 155 -5.95 -7.77 0.12
N LEU A 156 -4.91 -6.98 0.41
CA LEU A 156 -4.24 -7.02 1.72
CA LEU A 156 -4.21 -7.01 1.72
C LEU A 156 -4.35 -5.63 2.37
N THR A 157 -5.01 -5.56 3.52
CA THR A 157 -5.32 -4.29 4.18
C THR A 157 -4.87 -4.33 5.64
N SER A 158 -4.60 -3.12 6.13
CA SER A 158 -4.11 -2.95 7.52
C SER A 158 -4.61 -1.62 8.09
N ARG A 159 -4.36 -1.39 9.40
CA ARG A 159 -5.15 -0.34 10.15
C ARG A 159 -4.42 0.97 10.46
N GLY A 160 -3.12 0.97 10.69
CA GLY A 160 -2.49 2.22 11.16
C GLY A 160 -0.98 2.15 11.22
N PRO A 161 -0.30 3.27 11.65
CA PRO A 161 1.15 3.24 11.78
C PRO A 161 1.59 2.03 12.63
N GLY A 162 0.89 1.76 13.74
CA GLY A 162 1.25 0.69 14.65
C GLY A 162 1.02 -0.73 14.13
N THR A 163 0.39 -0.89 12.97
CA THR A 163 0.26 -2.22 12.29
C THR A 163 1.19 -2.24 11.06
N SER A 164 1.96 -1.20 10.80
CA SER A 164 2.80 -1.07 9.60
C SER A 164 3.88 -2.12 9.47
N PHE A 165 4.48 -2.55 10.56
CA PHE A 165 5.49 -3.60 10.51
C PHE A 165 4.76 -4.92 10.12
N GLU A 166 3.62 -5.18 10.75
CA GLU A 166 2.84 -6.43 10.48
C GLU A 166 2.41 -6.41 9.02
N PHE A 167 1.97 -5.25 8.54
CA PHE A 167 1.48 -5.09 7.15
C PHE A 167 2.65 -5.38 6.22
N ALA A 168 3.77 -4.72 6.40
CA ALA A 168 4.96 -4.90 5.55
C ALA A 168 5.47 -6.33 5.56
N LEU A 169 5.48 -6.97 6.72
CA LEU A 169 5.96 -8.39 6.80
C LEU A 169 4.98 -9.32 6.10
N ALA A 170 3.70 -8.97 6.10
CA ALA A 170 2.67 -9.77 5.43
C ALA A 170 2.92 -9.64 3.92
N ILE A 171 3.23 -8.44 3.42
CA ILE A 171 3.62 -8.32 2.01
C ILE A 171 4.84 -9.19 1.74
N VAL A 172 5.88 -9.10 2.53
CA VAL A 172 7.11 -9.90 2.28
C VAL A 172 6.71 -11.38 2.24
N GLU A 173 5.93 -11.86 3.21
CA GLU A 173 5.60 -13.30 3.25
C GLU A 173 4.87 -13.65 1.96
N ALA A 174 3.94 -12.79 1.54
CA ALA A 174 3.17 -13.08 0.32
C ALA A 174 4.07 -13.18 -0.91
N LEU A 175 5.09 -12.38 -1.03
CA LEU A 175 5.94 -12.29 -2.25
C LEU A 175 7.10 -13.28 -2.16
N ASN A 176 7.71 -13.42 -0.98
CA ASN A 176 9.02 -14.10 -0.84
C ASN A 176 8.94 -15.31 0.11
N GLY A 177 7.81 -15.48 0.78
CA GLY A 177 7.62 -16.64 1.69
C GLY A 177 7.92 -16.38 3.15
N LYS A 178 7.58 -17.35 3.98
CA LYS A 178 7.66 -17.26 5.45
C LYS A 178 9.11 -17.05 5.91
N GLU A 179 10.06 -17.74 5.26
CA GLU A 179 11.47 -17.78 5.72
C GLU A 179 12.10 -16.39 5.52
N VAL A 180 11.93 -15.81 4.37
CA VAL A 180 12.44 -14.44 4.12
C VAL A 180 11.74 -13.49 5.10
N ALA A 181 10.43 -13.58 5.30
CA ALA A 181 9.75 -12.67 6.28
C ALA A 181 10.40 -12.89 7.64
N ALA A 182 10.78 -14.09 8.05
CA ALA A 182 11.32 -14.32 9.40
C ALA A 182 12.73 -13.74 9.48
N GLN A 183 13.48 -13.81 8.39
CA GLN A 183 14.84 -13.28 8.34
C GLN A 183 14.75 -11.76 8.48
N VAL A 184 13.79 -11.11 7.83
CA VAL A 184 13.71 -9.62 7.89
C VAL A 184 13.22 -9.22 9.28
N LYS A 185 12.34 -10.01 9.89
CA LYS A 185 11.74 -9.66 11.19
C LYS A 185 12.82 -9.71 12.28
N ALA A 186 13.78 -10.63 12.16
CA ALA A 186 14.61 -11.04 13.31
C ALA A 186 15.31 -9.85 13.97
N PRO A 187 16.02 -8.92 13.25
CA PRO A 187 16.74 -7.85 13.93
C PRO A 187 15.89 -6.59 14.13
N LEU A 188 14.59 -6.59 13.90
CA LEU A 188 13.79 -5.36 14.01
C LEU A 188 13.52 -4.99 15.46
N VAL A 189 13.63 -5.95 16.38
CA VAL A 189 13.26 -5.76 17.80
C VAL A 189 11.78 -5.42 17.90
N LEU A 190 10.93 -6.12 17.16
CA LEU A 190 9.46 -5.99 17.30
C LEU A 190 9.06 -6.63 18.63
N LYS A 191 7.93 -6.27 19.18
CA LYS A 191 7.44 -6.94 20.43
C LYS A 191 6.75 -8.28 20.16
#